data_5XJN
#
_entry.id   5XJN
#
_cell.length_a   86.070
_cell.length_b   86.070
_cell.length_c   125.040
_cell.angle_alpha   90.000
_cell.angle_beta   90.000
_cell.angle_gamma   90.000
#
_symmetry.space_group_name_H-M   'P 43 21 2'
#
loop_
_entity.id
_entity.type
_entity.pdbx_description
1 polymer 'Cytochrome P450'
2 non-polymer '(4-ethylphenyl) dihydrogen phosphate'
3 non-polymer 'PROTOPORPHYRIN IX CONTAINING FE'
4 water water
#
_entity_poly.entity_id   1
_entity_poly.type   'polypeptide(L)'
_entity_poly.pdbx_seq_one_letter_code
;MHHHHHHSSGLVPRGSGMKETAAAKFERQHMDSPDLGTDDDDKAMADIGSTSHHGYQPFDMHNPFPAYKELRQEEPVMFD
ERIGYWVVTKYDDIKTTFDDWETFSSENAQAPVRKRGPQATQIMTDGGFTAYSGLSARIPPEHTRIRAIAQKAFTPRRYK
ALEPDIRAMVIDRVEKMLANDQHVGDMVSDLAYDIPTITILTLIGADISMVDTYKRWSDSRAAMTWGDLSDEEQIPHAHN
LVEYWQECQRMVADAHAHGGDNLTADLVRAQQEGQEITDHEIASLLYSLLFAGHETTTTLISNCFRVLLDHPEQWQAILE
NPKLIPAAVDEVLRYSGSIVGWRRKALKDTEIGGVAIKEGDGVLLLMGSANRDEARFENGEEFDISRANAREHLSFGFGI
HYCLGNMLAKLQAKICLEEVTRLVPSLHLVADKAIGFRENLSFRVPTSVPVTWNA
;
_entity_poly.pdbx_strand_id   A
#
# COMPACT_ATOMS: atom_id res chain seq x y z
N SER A 52 3.13 -15.13 25.04
CA SER A 52 3.77 -15.02 23.74
C SER A 52 3.32 -13.77 23.00
N HIS A 53 3.44 -12.62 23.66
CA HIS A 53 3.01 -11.34 23.10
C HIS A 53 1.55 -11.39 22.68
N HIS A 54 0.73 -12.12 23.43
CA HIS A 54 -0.71 -12.17 23.20
C HIS A 54 -1.06 -12.72 21.83
N GLY A 55 -0.21 -13.59 21.29
CA GLY A 55 -0.45 -14.18 19.98
C GLY A 55 0.02 -13.35 18.81
N TYR A 56 0.56 -12.15 19.05
CA TYR A 56 1.01 -11.30 17.95
C TYR A 56 2.29 -11.87 17.35
N GLN A 57 2.27 -12.14 16.05
CA GLN A 57 3.43 -12.59 15.30
C GLN A 57 3.73 -11.51 14.27
N PRO A 58 4.76 -10.70 14.46
CA PRO A 58 4.87 -9.44 13.69
C PRO A 58 4.79 -9.59 12.18
N PHE A 59 5.35 -10.66 11.61
CA PHE A 59 5.45 -10.79 10.16
C PHE A 59 4.40 -11.73 9.58
N ASP A 60 3.54 -12.32 10.42
CA ASP A 60 2.54 -13.29 9.96
C ASP A 60 1.29 -12.54 9.52
N MET A 61 1.07 -12.51 8.20
CA MET A 61 0.01 -11.70 7.61
C MET A 61 -1.23 -12.49 7.26
N HIS A 62 -1.31 -13.78 7.61
CA HIS A 62 -2.41 -14.61 7.17
CA HIS A 62 -2.41 -14.61 7.17
C HIS A 62 -3.71 -14.22 7.85
N ASN A 63 -3.68 -14.03 9.18
CA ASN A 63 -4.89 -13.68 9.92
C ASN A 63 -4.52 -13.04 11.25
N PRO A 64 -4.10 -11.77 11.26
CA PRO A 64 -3.58 -11.16 12.48
C PRO A 64 -4.63 -10.61 13.43
N PHE A 65 -5.90 -10.65 13.06
CA PHE A 65 -6.93 -9.89 13.76
C PHE A 65 -7.30 -10.47 15.12
N PRO A 66 -7.30 -11.79 15.31
CA PRO A 66 -7.47 -12.31 16.67
C PRO A 66 -6.42 -11.77 17.63
N ALA A 67 -5.15 -11.69 17.21
CA ALA A 67 -4.11 -11.15 18.08
C ALA A 67 -4.32 -9.66 18.33
N TYR A 68 -4.69 -8.91 17.29
CA TYR A 68 -5.02 -7.50 17.46
C TYR A 68 -6.06 -7.32 18.56
N LYS A 69 -7.10 -8.15 18.54
CA LYS A 69 -8.19 -8.02 19.50
C LYS A 69 -7.70 -8.29 20.92
N GLU A 70 -6.84 -9.28 21.10
CA GLU A 70 -6.31 -9.55 22.44
C GLU A 70 -5.39 -8.42 22.89
N LEU A 71 -4.60 -7.86 21.97
CA LEU A 71 -3.75 -6.72 22.33
C LEU A 71 -4.59 -5.52 22.74
N ARG A 72 -5.65 -5.22 21.98
CA ARG A 72 -6.51 -4.09 22.33
C ARG A 72 -7.05 -4.24 23.74
N GLN A 73 -7.35 -5.46 24.15
CA GLN A 73 -7.95 -5.70 25.46
C GLN A 73 -6.91 -5.83 26.57
N GLU A 74 -5.75 -6.42 26.27
CA GLU A 74 -4.79 -6.82 27.30
C GLU A 74 -3.55 -5.94 27.37
N GLU A 75 -3.05 -5.44 26.24
CA GLU A 75 -1.81 -4.67 26.22
C GLU A 75 -1.82 -3.75 25.00
N PRO A 76 -2.65 -2.70 25.01
CA PRO A 76 -2.83 -1.87 23.82
C PRO A 76 -1.60 -1.08 23.41
N VAL A 77 -0.62 -0.93 24.29
CA VAL A 77 0.67 -0.32 23.97
C VAL A 77 1.72 -1.28 24.50
N MET A 78 2.25 -2.13 23.63
CA MET A 78 3.11 -3.25 24.01
C MET A 78 4.48 -3.06 23.40
N PHE A 79 5.53 -3.15 24.22
CA PHE A 79 6.88 -3.15 23.67
C PHE A 79 7.22 -4.53 23.15
N ASP A 80 7.54 -4.62 21.87
CA ASP A 80 7.88 -5.88 21.23
C ASP A 80 9.37 -5.86 20.91
N GLU A 81 10.17 -6.53 21.75
CA GLU A 81 11.61 -6.58 21.55
C GLU A 81 12.00 -7.42 20.34
N ARG A 82 11.09 -8.24 19.82
CA ARG A 82 11.40 -9.04 18.64
C ARG A 82 11.64 -8.15 17.42
N ILE A 83 10.99 -6.99 17.38
CA ILE A 83 11.17 -6.05 16.29
C ILE A 83 11.70 -4.70 16.76
N GLY A 84 11.61 -4.37 18.05
CA GLY A 84 12.13 -3.12 18.55
C GLY A 84 11.17 -1.95 18.52
N TYR A 85 9.87 -2.20 18.65
CA TYR A 85 8.87 -1.15 18.52
C TYR A 85 7.83 -1.28 19.63
N TRP A 86 7.29 -0.14 20.02
CA TRP A 86 6.04 -0.12 20.76
C TRP A 86 4.91 -0.40 19.78
N VAL A 87 4.14 -1.44 20.07
CA VAL A 87 3.05 -1.89 19.21
C VAL A 87 1.75 -1.29 19.77
N VAL A 88 1.09 -0.46 18.96
CA VAL A 88 -0.09 0.30 19.37
C VAL A 88 -1.28 -0.19 18.56
N THR A 89 -2.39 -0.52 19.24
CA THR A 89 -3.50 -1.22 18.58
C THR A 89 -4.87 -0.56 18.69
N LYS A 90 -5.05 0.48 19.50
N LYS A 90 -5.05 0.47 19.50
CA LYS A 90 -6.36 1.09 19.68
CA LYS A 90 -6.36 1.09 19.67
C LYS A 90 -6.54 2.30 18.78
C LYS A 90 -6.53 2.28 18.73
N TYR A 91 -7.76 2.47 18.28
CA TYR A 91 -8.05 3.52 17.30
C TYR A 91 -7.65 4.90 17.82
N ASP A 92 -8.10 5.26 19.02
CA ASP A 92 -7.85 6.60 19.52
C ASP A 92 -6.36 6.87 19.64
N ASP A 93 -5.60 5.91 20.18
CA ASP A 93 -4.16 6.11 20.33
C ASP A 93 -3.48 6.24 18.98
N ILE A 94 -3.93 5.46 18.00
CA ILE A 94 -3.29 5.48 16.68
C ILE A 94 -3.59 6.80 15.95
N LYS A 95 -4.85 7.22 15.96
CA LYS A 95 -5.19 8.46 15.28
C LYS A 95 -4.49 9.64 15.93
N THR A 96 -4.42 9.66 17.26
CA THR A 96 -3.73 10.74 17.95
C THR A 96 -2.25 10.76 17.60
N THR A 97 -1.63 9.59 17.49
CA THR A 97 -0.21 9.54 17.15
C THR A 97 0.03 10.04 15.73
N PHE A 98 -0.79 9.61 14.78
CA PHE A 98 -0.70 10.14 13.42
C PHE A 98 -0.82 11.66 13.42
N ASP A 99 -1.77 12.19 14.19
CA ASP A 99 -2.02 13.63 14.18
C ASP A 99 -0.86 14.42 14.75
N ASP A 100 -0.14 13.86 15.72
CA ASP A 100 0.89 14.59 16.46
C ASP A 100 2.24 14.39 15.78
N TRP A 101 2.36 14.97 14.59
CA TRP A 101 3.58 14.79 13.80
C TRP A 101 4.78 15.50 14.41
N GLU A 102 4.56 16.54 15.22
CA GLU A 102 5.70 17.24 15.83
C GLU A 102 6.38 16.37 16.88
N THR A 103 5.65 15.44 17.47
CA THR A 103 6.18 14.53 18.48
C THR A 103 6.57 13.18 17.91
N PHE A 104 5.83 12.69 16.92
CA PHE A 104 6.06 11.37 16.33
C PHE A 104 6.36 11.58 14.85
N SER A 105 7.64 11.51 14.50
CA SER A 105 8.02 11.77 13.11
C SER A 105 7.99 10.47 12.31
N SER A 106 7.86 10.64 10.99
CA SER A 106 7.82 9.52 10.08
C SER A 106 9.20 9.11 9.58
N GLU A 107 10.27 9.65 10.17
CA GLU A 107 11.58 9.53 9.56
C GLU A 107 12.06 8.09 9.48
N ASN A 108 11.53 7.19 10.32
CA ASN A 108 11.90 5.78 10.29
C ASN A 108 10.93 4.92 9.49
N ALA A 109 9.96 5.54 8.81
CA ALA A 109 8.94 4.76 8.11
C ALA A 109 9.52 3.96 6.95
N GLN A 110 10.68 4.35 6.42
CA GLN A 110 11.32 3.63 5.33
C GLN A 110 12.64 3.02 5.76
N ALA A 111 12.92 3.01 7.05
CA ALA A 111 14.11 2.34 7.55
C ALA A 111 13.89 0.83 7.55
N PRO A 112 14.88 0.04 7.14
CA PRO A 112 14.66 -1.40 7.12
C PRO A 112 14.37 -1.93 8.51
N VAL A 113 13.35 -2.80 8.60
CA VAL A 113 13.00 -3.42 9.87
C VAL A 113 14.17 -4.25 10.38
N ARG A 114 14.79 -5.02 9.50
CA ARG A 114 15.99 -5.78 9.82
C ARG A 114 17.19 -5.06 9.24
N LYS A 115 18.22 -4.88 10.07
CA LYS A 115 19.39 -4.12 9.66
C LYS A 115 19.96 -4.67 8.35
N ARG A 116 20.32 -3.74 7.46
CA ARG A 116 20.95 -4.13 6.21
C ARG A 116 22.31 -4.77 6.47
N GLY A 117 22.53 -5.93 5.87
CA GLY A 117 23.72 -6.70 6.12
C GLY A 117 24.92 -6.15 5.35
N PRO A 118 26.09 -6.72 5.64
CA PRO A 118 27.32 -6.19 5.03
C PRO A 118 27.31 -6.24 3.51
N GLN A 119 26.93 -7.37 2.92
CA GLN A 119 27.00 -7.49 1.46
C GLN A 119 25.95 -6.62 0.78
N ALA A 120 24.71 -6.64 1.30
CA ALA A 120 23.69 -5.75 0.77
C ALA A 120 24.11 -4.29 0.87
N THR A 121 24.74 -3.91 1.99
CA THR A 121 25.23 -2.54 2.12
C THR A 121 26.25 -2.22 1.03
N GLN A 122 27.20 -3.13 0.81
CA GLN A 122 28.22 -2.91 -0.22
C GLN A 122 27.58 -2.83 -1.60
N ILE A 123 26.64 -3.73 -1.89
CA ILE A 123 25.98 -3.73 -3.20
C ILE A 123 25.33 -2.38 -3.47
N MET A 124 24.62 -1.86 -2.48
CA MET A 124 23.84 -0.65 -2.70
C MET A 124 24.74 0.58 -2.71
N THR A 125 25.79 0.60 -1.89
CA THR A 125 26.76 1.69 -1.98
C THR A 125 27.47 1.68 -3.34
N ASP A 126 27.99 0.53 -3.75
CA ASP A 126 28.71 0.44 -5.03
C ASP A 126 27.79 0.73 -6.20
N GLY A 127 26.51 0.42 -6.08
CA GLY A 127 25.54 0.67 -7.13
C GLY A 127 25.01 2.07 -7.20
N GLY A 128 25.49 2.96 -6.33
CA GLY A 128 25.05 4.33 -6.34
C GLY A 128 23.64 4.53 -5.83
N PHE A 129 23.17 3.65 -4.96
CA PHE A 129 21.83 3.77 -4.38
C PHE A 129 21.85 4.83 -3.30
N THR A 130 21.20 5.97 -3.56
CA THR A 130 21.15 7.08 -2.62
C THR A 130 19.72 7.45 -2.25
N ALA A 131 18.75 6.64 -2.64
CA ALA A 131 17.37 6.90 -2.31
C ALA A 131 17.08 6.51 -0.87
N TYR A 132 16.06 7.16 -0.31
CA TYR A 132 15.53 6.75 0.98
C TYR A 132 14.01 6.83 0.93
N SER A 133 13.48 8.03 0.67
CA SER A 133 12.04 8.22 0.68
C SER A 133 11.66 9.43 -0.17
N GLY A 134 10.75 9.23 -1.12
CA GLY A 134 10.22 10.36 -1.87
C GLY A 134 9.41 11.29 -1.00
N LEU A 135 8.55 10.73 -0.15
CA LEU A 135 7.71 11.55 0.72
C LEU A 135 7.44 10.96 2.10
N SER A 136 7.16 9.66 2.17
CA SER A 136 6.49 9.13 3.36
C SER A 136 7.35 9.27 4.62
N ALA A 137 8.68 9.26 4.48
CA ALA A 137 9.58 9.35 5.62
C ALA A 137 10.34 10.67 5.66
N ARG A 138 9.96 11.64 4.83
CA ARG A 138 10.48 12.99 4.96
C ARG A 138 9.72 13.75 6.04
N ILE A 139 10.38 14.72 6.64
CA ILE A 139 9.74 15.53 7.69
C ILE A 139 9.77 16.98 7.23
N PRO A 140 8.93 17.83 7.82
CA PRO A 140 9.00 19.26 7.49
C PRO A 140 10.36 19.84 7.86
N PRO A 141 10.83 20.86 7.13
CA PRO A 141 10.15 21.58 6.05
C PRO A 141 10.21 20.90 4.69
N GLU A 142 11.13 19.96 4.49
CA GLU A 142 11.29 19.34 3.17
C GLU A 142 10.02 18.63 2.75
N HIS A 143 9.41 17.87 3.67
CA HIS A 143 8.18 17.16 3.33
C HIS A 143 7.13 18.11 2.80
N THR A 144 6.91 19.23 3.51
CA THR A 144 5.86 20.17 3.13
C THR A 144 6.08 20.71 1.73
N ARG A 145 7.32 21.11 1.43
CA ARG A 145 7.64 21.67 0.13
C ARG A 145 7.42 20.66 -0.99
N ILE A 146 7.92 19.44 -0.81
CA ILE A 146 7.86 18.45 -1.88
C ILE A 146 6.44 17.94 -2.06
N ARG A 147 5.71 17.73 -0.97
CA ARG A 147 4.33 17.24 -1.10
C ARG A 147 3.47 18.25 -1.84
N ALA A 148 3.65 19.54 -1.56
CA ALA A 148 2.85 20.57 -2.24
C ALA A 148 3.06 20.52 -3.75
N ILE A 149 4.30 20.26 -4.17
CA ILE A 149 4.59 20.16 -5.60
C ILE A 149 4.00 18.86 -6.17
N ALA A 150 4.17 17.75 -5.45
CA ALA A 150 3.69 16.46 -5.96
C ALA A 150 2.17 16.39 -5.99
N GLN A 151 1.50 17.06 -5.05
CA GLN A 151 0.04 16.94 -4.91
C GLN A 151 -0.68 17.33 -6.19
N LYS A 152 -0.14 18.26 -6.96
CA LYS A 152 -0.89 18.88 -8.04
C LYS A 152 -1.34 17.86 -9.08
N ALA A 153 -0.60 16.76 -9.23
CA ALA A 153 -0.88 15.80 -10.28
C ALA A 153 -1.98 14.82 -9.91
N PHE A 154 -2.34 14.71 -8.63
CA PHE A 154 -3.25 13.68 -8.15
C PHE A 154 -4.53 14.34 -7.63
N THR A 155 -5.42 14.67 -8.57
CA THR A 155 -6.73 15.22 -8.26
C THR A 155 -7.79 14.42 -8.98
N PRO A 156 -9.01 14.33 -8.42
CA PRO A 156 -10.07 13.57 -9.09
C PRO A 156 -10.37 14.07 -10.50
N ARG A 157 -10.08 15.34 -10.80
CA ARG A 157 -10.30 15.83 -12.15
C ARG A 157 -9.29 15.25 -13.13
N ARG A 158 -8.04 15.09 -12.68
CA ARG A 158 -7.00 14.54 -13.55
C ARG A 158 -7.14 13.04 -13.75
N TYR A 159 -8.04 12.38 -13.03
CA TYR A 159 -8.33 10.96 -13.26
C TYR A 159 -9.47 10.75 -14.25
N LYS A 160 -10.38 11.73 -14.37
CA LYS A 160 -11.56 11.54 -15.21
C LYS A 160 -11.18 11.18 -16.64
N ALA A 161 -10.12 11.78 -17.16
CA ALA A 161 -9.64 11.44 -18.50
C ALA A 161 -9.07 10.02 -18.55
N LEU A 162 -8.71 9.45 -17.40
CA LEU A 162 -8.12 8.12 -17.36
C LEU A 162 -9.15 7.01 -17.18
N GLU A 163 -10.32 7.32 -16.62
CA GLU A 163 -11.31 6.28 -16.33
C GLU A 163 -11.68 5.48 -17.56
N PRO A 164 -11.99 6.07 -18.72
CA PRO A 164 -12.31 5.25 -19.89
C PRO A 164 -11.20 4.27 -20.26
N ASP A 165 -9.94 4.72 -20.18
CA ASP A 165 -8.83 3.83 -20.50
C ASP A 165 -8.72 2.71 -19.49
N ILE A 166 -8.85 3.01 -18.19
CA ILE A 166 -8.81 1.97 -17.17
C ILE A 166 -9.93 0.96 -17.40
N ARG A 167 -11.15 1.46 -17.60
CA ARG A 167 -12.29 0.57 -17.77
C ARG A 167 -12.09 -0.36 -18.97
N ALA A 168 -11.61 0.18 -20.09
CA ALA A 168 -11.39 -0.65 -21.26
C ALA A 168 -10.36 -1.72 -21.00
N MET A 169 -9.29 -1.37 -20.26
CA MET A 169 -8.26 -2.34 -19.94
C MET A 169 -8.80 -3.43 -19.03
N VAL A 170 -9.63 -3.07 -18.05
CA VAL A 170 -10.24 -4.06 -17.17
C VAL A 170 -11.04 -5.06 -17.99
N ILE A 171 -11.90 -4.56 -18.89
CA ILE A 171 -12.74 -5.45 -19.68
C ILE A 171 -11.88 -6.39 -20.52
N ASP A 172 -10.77 -5.88 -21.07
CA ASP A 172 -9.89 -6.73 -21.86
C ASP A 172 -9.32 -7.87 -21.01
N ARG A 173 -8.87 -7.55 -19.80
CA ARG A 173 -8.31 -8.59 -18.94
C ARG A 173 -9.37 -9.60 -18.53
N VAL A 174 -10.58 -9.14 -18.21
CA VAL A 174 -11.65 -10.05 -17.83
C VAL A 174 -11.95 -11.01 -18.96
N GLU A 175 -12.05 -10.49 -20.19
CA GLU A 175 -12.33 -11.35 -21.33
C GLU A 175 -11.23 -12.38 -21.54
N LYS A 176 -9.97 -11.98 -21.36
CA LYS A 176 -8.87 -12.92 -21.50
C LYS A 176 -8.98 -14.04 -20.47
N MET A 177 -9.35 -13.71 -19.24
CA MET A 177 -9.47 -14.72 -18.20
C MET A 177 -10.56 -15.72 -18.54
N LEU A 178 -11.72 -15.22 -18.97
CA LEU A 178 -12.85 -16.09 -19.27
C LEU A 178 -12.59 -17.02 -20.45
N ALA A 179 -11.50 -16.82 -21.18
CA ALA A 179 -11.14 -17.71 -22.27
C ALA A 179 -10.27 -18.88 -21.82
N ASN A 180 -9.89 -18.92 -20.54
CA ASN A 180 -9.11 -20.04 -20.04
C ASN A 180 -9.86 -21.34 -20.26
N ASP A 181 -9.10 -22.40 -20.51
CA ASP A 181 -9.71 -23.69 -20.84
C ASP A 181 -10.40 -24.30 -19.62
N GLN A 182 -9.76 -24.28 -18.47
CA GLN A 182 -10.29 -24.92 -17.28
C GLN A 182 -11.35 -24.09 -16.56
N HIS A 183 -11.69 -22.90 -17.08
CA HIS A 183 -12.61 -22.00 -16.39
C HIS A 183 -12.13 -21.72 -14.98
N VAL A 184 -10.82 -21.67 -14.80
CA VAL A 184 -10.18 -21.32 -13.54
C VAL A 184 -9.37 -20.05 -13.79
N GLY A 185 -9.34 -19.18 -12.79
CA GLY A 185 -8.62 -17.92 -12.90
C GLY A 185 -7.99 -17.54 -11.58
N ASP A 186 -7.28 -16.42 -11.61
CA ASP A 186 -6.62 -15.87 -10.44
C ASP A 186 -6.76 -14.36 -10.53
N MET A 187 -7.51 -13.76 -9.61
CA MET A 187 -7.79 -12.34 -9.71
C MET A 187 -6.54 -11.49 -9.52
N VAL A 188 -5.46 -12.06 -9.00
CA VAL A 188 -4.21 -11.32 -8.88
C VAL A 188 -3.53 -11.28 -10.25
N SER A 189 -3.08 -12.44 -10.72
CA SER A 189 -2.29 -12.47 -11.95
C SER A 189 -3.11 -12.08 -13.17
N ASP A 190 -4.42 -12.34 -13.16
CA ASP A 190 -5.25 -12.09 -14.34
C ASP A 190 -5.87 -10.69 -14.37
N LEU A 191 -5.79 -9.91 -13.29
CA LEU A 191 -6.39 -8.58 -13.28
C LEU A 191 -5.65 -7.59 -12.40
N ALA A 192 -5.61 -7.85 -11.09
CA ALA A 192 -5.10 -6.87 -10.15
C ALA A 192 -3.63 -6.57 -10.41
N TYR A 193 -2.90 -7.53 -10.98
CA TYR A 193 -1.47 -7.41 -11.23
C TYR A 193 -1.17 -6.27 -12.19
N ASP A 194 -1.93 -6.17 -13.28
CA ASP A 194 -1.61 -5.28 -14.39
C ASP A 194 -2.24 -3.89 -14.27
N ILE A 195 -3.48 -3.81 -13.81
CA ILE A 195 -4.29 -2.60 -13.99
C ILE A 195 -3.63 -1.40 -13.30
N PRO A 196 -3.39 -1.44 -11.98
CA PRO A 196 -2.78 -0.26 -11.35
C PRO A 196 -1.35 -0.02 -11.80
N THR A 197 -0.60 -1.07 -12.12
CA THR A 197 0.78 -0.89 -12.55
C THR A 197 0.83 -0.15 -13.88
N ILE A 198 0.02 -0.56 -14.85
CA ILE A 198 0.00 0.14 -16.13
C ILE A 198 -0.48 1.57 -15.92
N THR A 199 -1.44 1.78 -15.03
CA THR A 199 -1.96 3.13 -14.80
C THR A 199 -0.84 4.05 -14.32
N ILE A 200 -0.09 3.62 -13.31
CA ILE A 200 0.91 4.51 -12.73
C ILE A 200 2.12 4.64 -13.66
N LEU A 201 2.51 3.54 -14.33
CA LEU A 201 3.59 3.65 -15.30
C LEU A 201 3.24 4.65 -16.39
N THR A 202 2.00 4.61 -16.88
CA THR A 202 1.58 5.53 -17.93
C THR A 202 1.60 6.97 -17.42
N LEU A 203 1.12 7.18 -16.19
CA LEU A 203 1.09 8.52 -15.62
C LEU A 203 2.49 9.09 -15.45
N ILE A 204 3.44 8.26 -15.04
CA ILE A 204 4.79 8.73 -14.76
C ILE A 204 5.61 8.89 -16.03
N GLY A 205 5.31 8.10 -17.06
CA GLY A 205 6.07 8.12 -18.29
C GLY A 205 6.98 6.93 -18.51
N ALA A 206 6.85 5.88 -17.71
CA ALA A 206 7.61 4.66 -17.93
C ALA A 206 6.94 3.82 -19.00
N ASP A 207 7.74 3.05 -19.74
CA ASP A 207 7.19 2.19 -20.77
C ASP A 207 6.45 1.01 -20.13
N ILE A 208 5.21 0.80 -20.57
CA ILE A 208 4.35 -0.22 -19.95
C ILE A 208 4.82 -1.64 -20.24
N SER A 209 5.83 -1.81 -21.09
CA SER A 209 6.38 -3.13 -21.34
C SER A 209 7.20 -3.66 -20.18
N MET A 210 7.45 -2.84 -19.15
CA MET A 210 8.26 -3.24 -18.02
C MET A 210 7.44 -3.58 -16.78
N VAL A 211 6.16 -3.94 -16.95
CA VAL A 211 5.32 -4.27 -15.80
C VAL A 211 6.01 -5.32 -14.93
N ASP A 212 6.51 -6.39 -15.55
CA ASP A 212 7.10 -7.48 -14.77
C ASP A 212 8.37 -7.02 -14.05
N THR A 213 9.15 -6.16 -14.70
CA THR A 213 10.34 -5.61 -14.03
C THR A 213 9.94 -4.79 -12.81
N TYR A 214 8.92 -3.95 -12.94
CA TYR A 214 8.50 -3.11 -11.82
C TYR A 214 7.92 -3.94 -10.69
N LYS A 215 7.29 -5.08 -11.01
CA LYS A 215 6.81 -5.94 -9.95
C LYS A 215 7.97 -6.60 -9.21
N ARG A 216 9.03 -6.98 -9.94
CA ARG A 216 10.22 -7.48 -9.27
C ARG A 216 10.82 -6.42 -8.35
N TRP A 217 10.93 -5.18 -8.85
CA TRP A 217 11.49 -4.10 -8.04
C TRP A 217 10.63 -3.79 -6.84
N SER A 218 9.30 -3.79 -7.02
CA SER A 218 8.40 -3.50 -5.91
C SER A 218 8.42 -4.63 -4.88
N ASP A 219 8.41 -5.88 -5.34
CA ASP A 219 8.56 -7.01 -4.41
C ASP A 219 9.82 -6.83 -3.57
N SER A 220 10.92 -6.40 -4.19
CA SER A 220 12.17 -6.28 -3.46
C SER A 220 12.13 -5.13 -2.47
N ARG A 221 11.51 -4.00 -2.84
CA ARG A 221 11.42 -2.89 -1.88
C ARG A 221 10.59 -3.30 -0.67
N ALA A 222 9.46 -3.97 -0.91
CA ALA A 222 8.62 -4.41 0.20
C ALA A 222 9.33 -5.39 1.11
N ALA A 223 10.07 -6.34 0.52
CA ALA A 223 10.75 -7.36 1.32
C ALA A 223 11.95 -6.78 2.03
N MET A 224 12.73 -5.93 1.36
CA MET A 224 13.93 -5.38 1.96
C MET A 224 13.58 -4.49 3.15
N THR A 225 12.57 -3.65 3.01
CA THR A 225 12.31 -2.66 4.05
C THR A 225 11.44 -3.20 5.17
N TRP A 226 10.50 -4.11 4.88
CA TRP A 226 9.55 -4.59 5.88
C TRP A 226 9.57 -6.10 6.08
N GLY A 227 10.43 -6.83 5.36
CA GLY A 227 10.51 -8.26 5.52
C GLY A 227 11.50 -8.68 6.61
N ASP A 228 11.35 -9.93 7.05
CA ASP A 228 12.21 -10.49 8.09
C ASP A 228 13.38 -11.24 7.45
N LEU A 229 14.26 -10.47 6.80
CA LEU A 229 15.27 -11.02 5.90
C LEU A 229 16.60 -11.22 6.61
N SER A 230 17.21 -12.38 6.37
CA SER A 230 18.61 -12.59 6.74
C SER A 230 19.52 -11.78 5.81
N ASP A 231 20.78 -11.66 6.20
CA ASP A 231 21.74 -10.95 5.37
C ASP A 231 21.82 -11.53 3.97
N GLU A 232 21.84 -12.86 3.86
CA GLU A 232 21.93 -13.50 2.55
C GLU A 232 20.67 -13.26 1.74
N GLU A 233 19.50 -13.29 2.38
CA GLU A 233 18.25 -13.06 1.66
C GLU A 233 18.14 -11.63 1.14
N GLN A 234 18.87 -10.69 1.73
CA GLN A 234 18.84 -9.31 1.26
C GLN A 234 19.56 -9.11 -0.06
N ILE A 235 20.46 -10.02 -0.42
CA ILE A 235 21.35 -9.77 -1.56
C ILE A 235 20.58 -9.61 -2.87
N PRO A 236 19.71 -10.53 -3.27
CA PRO A 236 18.99 -10.32 -4.54
C PRO A 236 18.16 -9.05 -4.52
N HIS A 237 17.56 -8.72 -3.38
CA HIS A 237 16.76 -7.51 -3.28
C HIS A 237 17.62 -6.26 -3.38
N ALA A 238 18.83 -6.31 -2.83
CA ALA A 238 19.73 -5.15 -2.94
C ALA A 238 20.06 -4.86 -4.39
N HIS A 239 20.35 -5.88 -5.18
CA HIS A 239 20.64 -5.67 -6.60
C HIS A 239 19.43 -5.05 -7.30
N ASN A 240 18.23 -5.51 -6.97
CA ASN A 240 17.04 -4.99 -7.61
C ASN A 240 16.81 -3.52 -7.25
N LEU A 241 17.09 -3.15 -6.00
CA LEU A 241 16.91 -1.75 -5.61
C LEU A 241 17.90 -0.85 -6.33
N VAL A 242 19.14 -1.32 -6.52
CA VAL A 242 20.11 -0.58 -7.33
C VAL A 242 19.55 -0.32 -8.73
N GLU A 243 19.01 -1.37 -9.36
CA GLU A 243 18.45 -1.22 -10.71
C GLU A 243 17.27 -0.25 -10.71
N TYR A 244 16.38 -0.39 -9.72
CA TYR A 244 15.21 0.45 -9.61
C TYR A 244 15.59 1.92 -9.54
N TRP A 245 16.50 2.26 -8.63
CA TRP A 245 16.91 3.65 -8.45
C TRP A 245 17.58 4.19 -9.71
N GLN A 246 18.43 3.38 -10.35
CA GLN A 246 19.09 3.85 -11.57
C GLN A 246 18.07 4.20 -12.65
N GLU A 247 16.97 3.43 -12.74
CA GLU A 247 15.96 3.73 -13.73
C GLU A 247 15.19 5.00 -13.38
N CYS A 248 14.94 5.23 -12.09
CA CYS A 248 14.35 6.50 -11.66
C CYS A 248 15.22 7.67 -12.09
N GLN A 249 16.53 7.56 -11.88
CA GLN A 249 17.46 8.61 -12.30
C GLN A 249 17.42 8.77 -13.81
N ARG A 250 17.41 7.66 -14.55
CA ARG A 250 17.42 7.74 -16.00
C ARG A 250 16.19 8.48 -16.52
N MET A 251 15.02 8.22 -15.92
CA MET A 251 13.81 8.86 -16.41
C MET A 251 13.84 10.37 -16.20
N VAL A 252 14.42 10.82 -15.09
CA VAL A 252 14.55 12.26 -14.85
C VAL A 252 15.51 12.87 -15.87
N ALA A 253 16.65 12.22 -16.09
CA ALA A 253 17.61 12.73 -17.08
C ALA A 253 16.98 12.79 -18.46
N ASP A 254 16.17 11.77 -18.80
CA ASP A 254 15.52 11.73 -20.10
C ASP A 254 14.52 12.87 -20.24
N ALA A 255 13.82 13.22 -19.15
CA ALA A 255 12.89 14.34 -19.19
C ALA A 255 13.63 15.66 -19.38
N HIS A 256 14.81 15.80 -18.78
CA HIS A 256 15.63 17.00 -19.01
C HIS A 256 16.05 17.09 -20.46
N ALA A 257 16.35 15.95 -21.09
CA ALA A 257 16.91 15.97 -22.43
C ALA A 257 15.84 16.09 -23.50
N HIS A 258 14.66 15.48 -23.29
CA HIS A 258 13.67 15.36 -24.36
C HIS A 258 12.26 15.76 -23.94
N GLY A 259 12.06 16.21 -22.70
CA GLY A 259 10.73 16.62 -22.28
C GLY A 259 9.78 15.44 -22.22
N GLY A 260 8.53 15.67 -22.61
CA GLY A 260 7.52 14.63 -22.59
C GLY A 260 6.20 15.12 -22.02
N ASP A 261 5.17 14.27 -22.11
CA ASP A 261 3.85 14.57 -21.56
C ASP A 261 3.56 13.52 -20.50
N ASN A 262 4.06 13.76 -19.29
CA ASN A 262 3.90 12.83 -18.18
C ASN A 262 4.34 13.53 -16.91
N LEU A 263 4.16 12.84 -15.77
CA LEU A 263 4.45 13.46 -14.49
C LEU A 263 5.93 13.80 -14.36
N THR A 264 6.81 12.91 -14.81
CA THR A 264 8.25 13.17 -14.72
C THR A 264 8.62 14.45 -15.46
N ALA A 265 8.15 14.58 -16.71
CA ALA A 265 8.43 15.78 -17.48
C ALA A 265 7.77 17.01 -16.86
N ASP A 266 6.58 16.85 -16.28
CA ASP A 266 5.93 18.00 -15.63
C ASP A 266 6.71 18.47 -14.43
N LEU A 267 7.30 17.54 -13.66
CA LEU A 267 8.09 17.93 -12.50
C LEU A 267 9.38 18.62 -12.91
N VAL A 268 10.04 18.13 -13.95
CA VAL A 268 11.22 18.81 -14.46
C VAL A 268 10.86 20.20 -14.98
N ARG A 269 9.73 20.32 -15.67
CA ARG A 269 9.28 21.62 -16.13
CA ARG A 269 9.29 21.63 -16.14
C ARG A 269 9.07 22.57 -14.96
N ALA A 270 8.49 22.07 -13.88
CA ALA A 270 8.28 22.90 -12.70
C ALA A 270 9.59 23.42 -12.15
N GLN A 271 10.60 22.54 -12.07
CA GLN A 271 11.93 22.94 -11.65
C GLN A 271 12.50 24.01 -12.58
N GLN A 272 12.42 23.78 -13.89
CA GLN A 272 13.01 24.72 -14.84
C GLN A 272 12.28 26.05 -14.85
N GLU A 273 11.02 26.08 -14.42
CA GLU A 273 10.25 27.31 -14.33
C GLU A 273 10.34 27.98 -12.97
N GLY A 274 11.21 27.48 -12.08
CA GLY A 274 11.54 28.17 -10.85
C GLY A 274 11.10 27.47 -9.58
N GLN A 275 10.36 26.38 -9.66
CA GLN A 275 9.90 25.71 -8.46
C GLN A 275 11.05 24.97 -7.78
N GLU A 276 11.00 24.94 -6.44
CA GLU A 276 12.12 24.46 -5.63
C GLU A 276 11.99 22.95 -5.45
N ILE A 277 12.55 22.20 -6.40
CA ILE A 277 12.63 20.75 -6.30
C ILE A 277 13.82 20.30 -7.13
N THR A 278 14.68 19.47 -6.53
CA THR A 278 15.91 19.03 -7.17
C THR A 278 15.66 17.77 -7.99
N ASP A 279 16.61 17.48 -8.89
CA ASP A 279 16.55 16.22 -9.63
C ASP A 279 16.48 15.03 -8.69
N HIS A 280 17.27 15.05 -7.61
CA HIS A 280 17.26 13.92 -6.69
C HIS A 280 15.89 13.77 -6.03
N GLU A 281 15.25 14.89 -5.73
CA GLU A 281 13.91 14.83 -5.15
C GLU A 281 12.88 14.36 -6.17
N ILE A 282 13.03 14.74 -7.44
CA ILE A 282 12.13 14.24 -8.47
C ILE A 282 12.31 12.74 -8.65
N ALA A 283 13.56 12.28 -8.76
CA ALA A 283 13.80 10.85 -8.90
C ALA A 283 13.27 10.10 -7.69
N SER A 284 13.40 10.70 -6.50
CA SER A 284 12.86 10.09 -5.29
C SER A 284 11.33 10.04 -5.33
N LEU A 285 10.68 11.02 -5.95
CA LEU A 285 9.23 10.94 -6.12
C LEU A 285 8.85 9.80 -7.05
N LEU A 286 9.65 9.55 -8.10
CA LEU A 286 9.41 8.38 -8.92
C LEU A 286 9.60 7.09 -8.13
N TYR A 287 10.68 7.05 -7.33
CA TYR A 287 10.94 5.90 -6.46
C TYR A 287 9.74 5.63 -5.56
N SER A 288 9.11 6.70 -5.07
CA SER A 288 7.94 6.60 -4.22
C SER A 288 6.72 6.13 -5.02
N LEU A 289 6.38 6.86 -6.08
CA LEU A 289 5.12 6.61 -6.79
C LEU A 289 5.13 5.31 -7.56
N LEU A 290 6.28 4.89 -8.08
CA LEU A 290 6.35 3.63 -8.82
C LEU A 290 6.37 2.41 -7.91
N PHE A 291 6.28 2.63 -6.59
CA PHE A 291 6.05 1.57 -5.62
C PHE A 291 4.69 1.72 -4.96
N ALA A 292 4.45 2.85 -4.30
CA ALA A 292 3.17 3.08 -3.63
C ALA A 292 2.02 3.15 -4.60
N GLY A 293 2.29 3.53 -5.85
CA GLY A 293 1.24 3.76 -6.84
C GLY A 293 0.63 2.51 -7.43
N HIS A 294 1.17 1.32 -7.16
CA HIS A 294 0.53 0.09 -7.62
C HIS A 294 0.57 -1.05 -6.63
N GLU A 295 1.58 -1.15 -5.76
CA GLU A 295 1.66 -2.29 -4.85
C GLU A 295 0.41 -2.43 -4.00
N THR A 296 -0.01 -1.33 -3.38
CA THR A 296 -1.15 -1.37 -2.46
C THR A 296 -2.48 -1.46 -3.20
N THR A 297 -2.56 -0.89 -4.41
CA THR A 297 -3.80 -0.95 -5.17
C THR A 297 -4.03 -2.36 -5.73
N THR A 298 -2.96 -3.01 -6.20
CA THR A 298 -3.07 -4.42 -6.59
C THR A 298 -3.64 -5.23 -5.44
N THR A 299 -3.12 -5.00 -4.23
CA THR A 299 -3.62 -5.69 -3.06
C THR A 299 -5.09 -5.37 -2.80
N LEU A 300 -5.45 -4.09 -2.92
CA LEU A 300 -6.85 -3.70 -2.68
C LEU A 300 -7.79 -4.39 -3.67
N ILE A 301 -7.46 -4.36 -4.95
CA ILE A 301 -8.28 -5.04 -5.94
C ILE A 301 -8.40 -6.52 -5.60
N SER A 302 -7.27 -7.15 -5.30
CA SER A 302 -7.27 -8.57 -4.93
C SER A 302 -8.18 -8.80 -3.73
N ASN A 303 -8.06 -7.95 -2.71
CA ASN A 303 -8.84 -8.13 -1.48
C ASN A 303 -10.31 -7.84 -1.69
N CYS A 304 -10.68 -6.94 -2.61
CA CYS A 304 -12.08 -6.71 -2.90
C CYS A 304 -12.76 -8.02 -3.30
N PHE A 305 -12.13 -8.80 -4.17
CA PHE A 305 -12.74 -10.05 -4.60
C PHE A 305 -12.61 -11.13 -3.53
N ARG A 306 -11.47 -11.18 -2.84
CA ARG A 306 -11.30 -12.15 -1.77
C ARG A 306 -12.37 -11.98 -0.70
N VAL A 307 -12.56 -10.76 -0.20
CA VAL A 307 -13.47 -10.54 0.92
C VAL A 307 -14.92 -10.64 0.47
N LEU A 308 -15.26 -10.01 -0.66
CA LEU A 308 -16.64 -10.03 -1.11
C LEU A 308 -17.09 -11.44 -1.49
N LEU A 309 -16.22 -12.24 -2.10
CA LEU A 309 -16.59 -13.60 -2.42
C LEU A 309 -16.65 -14.48 -1.17
N ASP A 310 -15.98 -14.08 -0.09
CA ASP A 310 -16.15 -14.75 1.20
C ASP A 310 -17.48 -14.40 1.87
N HIS A 311 -18.17 -13.37 1.39
CA HIS A 311 -19.45 -12.93 1.94
C HIS A 311 -20.46 -12.91 0.80
N PRO A 312 -20.93 -14.07 0.38
CA PRO A 312 -21.74 -14.14 -0.86
C PRO A 312 -23.01 -13.31 -0.83
N GLU A 313 -23.59 -13.09 0.35
CA GLU A 313 -24.80 -12.25 0.40
C GLU A 313 -24.48 -10.82 -0.01
N GLN A 314 -23.28 -10.35 0.27
CA GLN A 314 -22.88 -8.99 -0.06
C GLN A 314 -22.31 -8.88 -1.47
N TRP A 315 -21.69 -9.96 -1.97
CA TRP A 315 -21.45 -10.05 -3.41
C TRP A 315 -22.76 -9.97 -4.17
N GLN A 316 -23.76 -10.74 -3.74
CA GLN A 316 -25.07 -10.69 -4.38
C GLN A 316 -25.67 -9.28 -4.31
N ALA A 317 -25.38 -8.55 -3.23
CA ALA A 317 -25.93 -7.21 -3.08
C ALA A 317 -25.38 -6.26 -4.13
N ILE A 318 -24.07 -6.32 -4.40
CA ILE A 318 -23.50 -5.44 -5.42
C ILE A 318 -23.83 -5.91 -6.83
N LEU A 319 -24.18 -7.20 -7.00
CA LEU A 319 -24.70 -7.64 -8.29
C LEU A 319 -26.02 -6.95 -8.60
N GLU A 320 -26.91 -6.89 -7.61
CA GLU A 320 -28.24 -6.31 -7.80
C GLU A 320 -28.23 -4.79 -7.80
N ASN A 321 -27.21 -4.17 -7.21
CA ASN A 321 -27.16 -2.71 -7.11
C ASN A 321 -25.70 -2.27 -7.18
N PRO A 322 -25.17 -2.03 -8.39
CA PRO A 322 -23.77 -1.60 -8.49
C PRO A 322 -23.46 -0.30 -7.77
N LYS A 323 -24.48 0.48 -7.39
CA LYS A 323 -24.23 1.73 -6.70
C LYS A 323 -23.71 1.51 -5.28
N LEU A 324 -23.78 0.29 -4.76
CA LEU A 324 -23.21 -0.02 -3.45
C LEU A 324 -21.70 -0.24 -3.49
N ILE A 325 -21.09 -0.25 -4.67
CA ILE A 325 -19.70 -0.66 -4.83
C ILE A 325 -18.76 0.32 -4.14
N PRO A 326 -18.92 1.64 -4.28
CA PRO A 326 -18.01 2.55 -3.58
C PRO A 326 -17.98 2.31 -2.07
N ALA A 327 -19.15 2.13 -1.45
CA ALA A 327 -19.17 1.85 -0.01
C ALA A 327 -18.58 0.48 0.30
N ALA A 328 -18.76 -0.49 -0.60
CA ALA A 328 -18.10 -1.79 -0.42
C ALA A 328 -16.59 -1.63 -0.37
N VAL A 329 -16.04 -0.78 -1.25
CA VAL A 329 -14.60 -0.56 -1.26
C VAL A 329 -14.16 0.08 0.06
N ASP A 330 -14.96 1.00 0.58
CA ASP A 330 -14.66 1.59 1.89
C ASP A 330 -14.55 0.51 2.97
N GLU A 331 -15.48 -0.45 2.97
CA GLU A 331 -15.48 -1.46 4.01
C GLU A 331 -14.36 -2.48 3.80
N VAL A 332 -13.96 -2.73 2.55
CA VAL A 332 -12.79 -3.56 2.31
C VAL A 332 -11.54 -2.86 2.84
N LEU A 333 -11.44 -1.54 2.64
CA LEU A 333 -10.29 -0.81 3.17
C LEU A 333 -10.24 -0.87 4.69
N ARG A 334 -11.40 -0.80 5.35
CA ARG A 334 -11.42 -0.91 6.81
C ARG A 334 -11.07 -2.32 7.25
N TYR A 335 -11.66 -3.32 6.60
CA TYR A 335 -11.60 -4.71 7.02
C TYR A 335 -10.36 -5.43 6.52
N SER A 336 -9.77 -4.97 5.43
CA SER A 336 -8.67 -5.67 4.77
C SER A 336 -7.77 -4.66 4.07
N GLY A 337 -7.31 -3.65 4.80
CA GLY A 337 -6.42 -2.67 4.22
C GLY A 337 -5.15 -3.31 3.68
N SER A 338 -4.56 -2.65 2.68
CA SER A 338 -3.33 -3.17 2.08
C SER A 338 -2.16 -3.08 3.04
N ILE A 339 -2.21 -2.12 3.96
CA ILE A 339 -1.18 -1.92 4.96
C ILE A 339 -1.83 -2.04 6.33
N VAL A 340 -1.28 -2.90 7.18
CA VAL A 340 -1.85 -3.09 8.52
C VAL A 340 -1.05 -2.39 9.61
N GLY A 341 0.19 -2.00 9.34
CA GLY A 341 0.99 -1.31 10.33
C GLY A 341 1.95 -0.33 9.68
N TRP A 342 2.19 0.78 10.36
CA TRP A 342 3.04 1.85 9.84
C TRP A 342 3.78 2.48 11.01
N ARG A 343 4.98 3.00 10.73
CA ARG A 343 5.94 3.33 11.79
C ARG A 343 6.11 4.82 12.00
N ARG A 344 6.46 5.16 13.25
CA ARG A 344 6.81 6.51 13.68
C ARG A 344 8.00 6.43 14.64
N LYS A 345 8.61 7.57 14.90
CA LYS A 345 9.74 7.68 15.83
C LYS A 345 9.47 8.80 16.80
N ALA A 346 9.59 8.53 18.09
CA ALA A 346 9.38 9.56 19.11
C ALA A 346 10.53 10.54 19.10
N LEU A 347 10.23 11.83 18.93
CA LEU A 347 11.25 12.87 18.92
C LEU A 347 11.55 13.42 20.31
N LYS A 348 10.78 13.02 21.32
CA LYS A 348 11.00 13.42 22.70
C LYS A 348 10.33 12.40 23.60
N ASP A 349 10.69 12.42 24.88
CA ASP A 349 9.96 11.64 25.86
C ASP A 349 8.49 12.03 25.83
N THR A 350 7.61 11.04 25.73
CA THR A 350 6.19 11.34 25.58
C THR A 350 5.39 10.15 26.11
N GLU A 351 4.12 10.08 25.73
CA GLU A 351 3.23 8.99 26.14
C GLU A 351 2.32 8.63 24.98
N ILE A 352 1.96 7.35 24.92
CA ILE A 352 0.86 6.87 24.08
C ILE A 352 -0.05 6.05 24.99
N GLY A 353 -1.33 6.41 25.03
CA GLY A 353 -2.25 5.70 25.90
C GLY A 353 -1.79 5.63 27.34
N GLY A 354 -1.13 6.69 27.82
CA GLY A 354 -0.66 6.73 29.19
C GLY A 354 0.60 5.94 29.45
N VAL A 355 1.18 5.29 28.45
CA VAL A 355 2.40 4.52 28.60
C VAL A 355 3.59 5.40 28.18
N ALA A 356 4.61 5.45 29.03
CA ALA A 356 5.75 6.30 28.78
C ALA A 356 6.61 5.74 27.64
N ILE A 357 6.99 6.62 26.71
CA ILE A 357 7.82 6.27 25.58
C ILE A 357 9.01 7.23 25.54
N LYS A 358 10.20 6.70 25.36
CA LYS A 358 11.43 7.49 25.41
C LYS A 358 11.76 8.08 24.04
N GLU A 359 12.41 9.24 24.06
CA GLU A 359 12.93 9.84 22.84
C GLU A 359 13.75 8.81 22.08
N GLY A 360 13.51 8.71 20.78
CA GLY A 360 14.19 7.75 19.94
C GLY A 360 13.51 6.40 19.81
N ASP A 361 12.53 6.10 20.66
CA ASP A 361 11.82 4.83 20.57
C ASP A 361 11.03 4.76 19.27
N GLY A 362 11.00 3.57 18.68
CA GLY A 362 10.18 3.33 17.51
C GLY A 362 8.78 2.90 17.89
N VAL A 363 7.81 3.30 17.06
CA VAL A 363 6.40 3.02 17.30
C VAL A 363 5.82 2.38 16.05
N LEU A 364 5.09 1.28 16.23
CA LEU A 364 4.38 0.61 15.15
C LEU A 364 2.88 0.78 15.37
N LEU A 365 2.25 1.57 14.51
CA LEU A 365 0.81 1.82 14.60
C LEU A 365 0.10 0.78 13.76
N LEU A 366 -0.68 -0.10 14.40
CA LEU A 366 -1.38 -1.16 13.69
C LEU A 366 -2.75 -0.65 13.28
N MET A 367 -2.81 0.03 12.13
CA MET A 367 -4.09 0.51 11.61
C MET A 367 -5.05 -0.63 11.37
N GLY A 368 -4.54 -1.82 11.04
CA GLY A 368 -5.43 -2.96 10.86
C GLY A 368 -6.21 -3.27 12.12
N SER A 369 -5.60 -3.01 13.28
CA SER A 369 -6.27 -3.19 14.56
C SER A 369 -7.20 -2.00 14.87
N ALA A 370 -6.71 -0.78 14.64
CA ALA A 370 -7.53 0.41 14.82
C ALA A 370 -8.87 0.25 14.12
N ASN A 371 -8.84 -0.29 12.89
CA ASN A 371 -10.03 -0.38 12.06
C ASN A 371 -11.04 -1.39 12.59
N ARG A 372 -10.66 -2.22 13.56
CA ARG A 372 -11.55 -3.18 14.18
C ARG A 372 -11.97 -2.77 15.59
N ASP A 373 -11.44 -1.66 16.09
CA ASP A 373 -11.63 -1.27 17.48
C ASP A 373 -13.10 -1.05 17.78
N GLU A 374 -13.64 -1.79 18.76
CA GLU A 374 -15.06 -1.70 19.07
C GLU A 374 -15.46 -0.31 19.58
N ALA A 375 -14.51 0.45 20.10
CA ALA A 375 -14.82 1.79 20.58
C ALA A 375 -15.18 2.74 19.44
N ARG A 376 -14.84 2.38 18.21
CA ARG A 376 -15.15 3.19 17.03
C ARG A 376 -16.02 2.47 16.03
N PHE A 377 -15.93 1.13 15.94
CA PHE A 377 -16.65 0.35 14.95
C PHE A 377 -17.42 -0.75 15.66
N GLU A 378 -18.74 -0.58 15.75
CA GLU A 378 -19.57 -1.57 16.42
C GLU A 378 -19.55 -2.89 15.65
N ASN A 379 -19.40 -3.99 16.37
CA ASN A 379 -19.22 -5.30 15.74
C ASN A 379 -18.08 -5.24 14.73
N GLY A 380 -16.93 -4.74 15.19
CA GLY A 380 -15.83 -4.41 14.30
C GLY A 380 -15.25 -5.57 13.54
N GLU A 381 -15.41 -6.80 14.05
CA GLU A 381 -14.84 -7.96 13.38
C GLU A 381 -15.72 -8.48 12.25
N GLU A 382 -16.87 -7.85 12.00
CA GLU A 382 -17.78 -8.26 10.95
C GLU A 382 -17.63 -7.37 9.72
N PHE A 383 -17.70 -7.99 8.55
CA PHE A 383 -17.64 -7.28 7.28
C PHE A 383 -19.05 -6.91 6.86
N ASP A 384 -19.30 -5.61 6.69
CA ASP A 384 -20.65 -5.13 6.38
C ASP A 384 -20.52 -3.91 5.47
N ILE A 385 -20.85 -4.08 4.19
CA ILE A 385 -20.65 -3.00 3.22
C ILE A 385 -21.55 -1.81 3.47
N SER A 386 -22.59 -1.95 4.30
CA SER A 386 -23.47 -0.84 4.64
C SER A 386 -23.00 -0.10 5.88
N ARG A 387 -21.83 -0.42 6.41
CA ARG A 387 -21.33 0.24 7.61
C ARG A 387 -21.24 1.75 7.38
N ALA A 388 -21.98 2.52 8.19
CA ALA A 388 -22.14 3.94 7.91
C ALA A 388 -20.86 4.74 8.10
N ASN A 389 -20.01 4.34 9.05
CA ASN A 389 -18.79 5.08 9.35
C ASN A 389 -17.53 4.33 8.89
N ALA A 390 -17.64 3.51 7.85
CA ALA A 390 -16.48 2.77 7.38
C ALA A 390 -15.34 3.70 6.96
N ARG A 391 -15.68 4.90 6.49
CA ARG A 391 -14.65 5.84 6.03
C ARG A 391 -13.93 6.54 7.18
N GLU A 392 -14.22 6.19 8.43
CA GLU A 392 -13.34 6.60 9.53
C GLU A 392 -12.11 5.72 9.65
N HIS A 393 -11.95 4.73 8.78
CA HIS A 393 -10.81 3.83 8.86
C HIS A 393 -9.50 4.60 8.67
N LEU A 394 -8.40 3.99 9.11
CA LEU A 394 -7.08 4.59 9.08
C LEU A 394 -6.14 3.89 8.10
N SER A 395 -6.69 3.21 7.09
CA SER A 395 -5.86 2.47 6.15
C SER A 395 -5.08 3.38 5.21
N PHE A 396 -5.48 4.65 5.08
CA PHE A 396 -4.73 5.65 4.33
C PHE A 396 -3.93 6.56 5.26
N GLY A 397 -3.86 6.22 6.55
CA GLY A 397 -3.25 7.08 7.52
C GLY A 397 -4.15 8.24 7.91
N PHE A 398 -3.50 9.29 8.41
CA PHE A 398 -4.20 10.48 8.88
C PHE A 398 -3.15 11.55 9.14
N GLY A 399 -3.46 12.79 8.74
CA GLY A 399 -2.58 13.91 9.01
C GLY A 399 -1.72 14.33 7.84
N ILE A 400 -0.52 14.82 8.13
CA ILE A 400 0.27 15.51 7.11
C ILE A 400 0.78 14.56 6.02
N HIS A 401 0.91 13.26 6.32
CA HIS A 401 1.36 12.27 5.35
C HIS A 401 0.22 11.48 4.74
N TYR A 402 -1.03 11.88 4.97
CA TYR A 402 -2.18 11.16 4.46
C TYR A 402 -2.01 10.81 2.99
N CYS A 403 -2.39 9.58 2.64
CA CYS A 403 -2.17 9.01 1.31
C CYS A 403 -2.47 9.99 0.19
N LEU A 404 -1.47 10.20 -0.67
CA LEU A 404 -1.57 11.14 -1.78
C LEU A 404 -2.47 10.61 -2.90
N GLY A 405 -2.60 9.29 -3.04
CA GLY A 405 -3.25 8.72 -4.20
C GLY A 405 -4.48 7.90 -3.86
N ASN A 406 -5.09 8.18 -2.71
CA ASN A 406 -6.18 7.32 -2.24
C ASN A 406 -7.34 7.32 -3.21
N MET A 407 -7.63 8.46 -3.85
CA MET A 407 -8.76 8.50 -4.78
C MET A 407 -8.50 7.69 -6.04
N LEU A 408 -7.24 7.65 -6.49
CA LEU A 408 -6.91 6.85 -7.67
C LEU A 408 -7.00 5.36 -7.36
N ALA A 409 -6.62 4.97 -6.13
CA ALA A 409 -6.74 3.58 -5.72
C ALA A 409 -8.21 3.15 -5.69
N LYS A 410 -9.06 3.95 -5.04
CA LYS A 410 -10.47 3.60 -4.93
C LYS A 410 -11.15 3.59 -6.30
N LEU A 411 -10.78 4.53 -7.17
CA LEU A 411 -11.34 4.55 -8.52
C LEU A 411 -11.08 3.23 -9.23
N GLN A 412 -9.84 2.74 -9.19
CA GLN A 412 -9.52 1.51 -9.91
C GLN A 412 -10.20 0.30 -9.29
N ALA A 413 -10.29 0.26 -7.96
CA ALA A 413 -11.04 -0.81 -7.31
C ALA A 413 -12.50 -0.78 -7.73
N LYS A 414 -13.11 0.42 -7.76
CA LYS A 414 -14.50 0.53 -8.20
C LYS A 414 -14.68 -0.02 -9.61
N ILE A 415 -13.82 0.40 -10.54
CA ILE A 415 -13.97 0.00 -11.93
C ILE A 415 -13.83 -1.51 -12.06
N CYS A 416 -12.87 -2.10 -11.35
CA CYS A 416 -12.69 -3.55 -11.41
C CYS A 416 -13.93 -4.27 -10.91
N LEU A 417 -14.48 -3.83 -9.77
CA LEU A 417 -15.68 -4.47 -9.24
C LEU A 417 -16.87 -4.28 -10.17
N GLU A 418 -17.00 -3.09 -10.76
CA GLU A 418 -18.10 -2.82 -11.67
C GLU A 418 -18.09 -3.78 -12.86
N GLU A 419 -16.93 -3.93 -13.49
CA GLU A 419 -16.85 -4.70 -14.73
C GLU A 419 -16.85 -6.20 -14.46
N VAL A 420 -16.21 -6.65 -13.38
CA VAL A 420 -16.18 -8.08 -13.09
C VAL A 420 -17.57 -8.56 -12.67
N THR A 421 -18.28 -7.79 -11.85
CA THR A 421 -19.63 -8.19 -11.46
C THR A 421 -20.56 -8.20 -12.66
N ARG A 422 -20.35 -7.30 -13.61
CA ARG A 422 -21.20 -7.26 -14.81
C ARG A 422 -20.92 -8.45 -15.71
N LEU A 423 -19.64 -8.77 -15.92
CA LEU A 423 -19.25 -9.77 -16.90
C LEU A 423 -19.15 -11.17 -16.32
N VAL A 424 -18.97 -11.31 -15.01
CA VAL A 424 -18.83 -12.62 -14.38
C VAL A 424 -19.65 -12.67 -13.10
N PRO A 425 -20.96 -12.52 -13.16
CA PRO A 425 -21.77 -12.58 -11.92
C PRO A 425 -21.62 -13.89 -11.16
N SER A 426 -21.26 -14.98 -11.84
CA SER A 426 -21.12 -16.28 -11.19
C SER A 426 -19.75 -16.53 -10.60
N LEU A 427 -18.88 -15.52 -10.58
CA LEU A 427 -17.55 -15.68 -10.00
C LEU A 427 -17.65 -16.26 -8.60
N HIS A 428 -16.75 -17.17 -8.28
CA HIS A 428 -16.73 -17.71 -6.92
CA HIS A 428 -16.78 -17.92 -7.02
C HIS A 428 -15.34 -18.22 -6.60
N LEU A 429 -15.07 -18.23 -5.30
CA LEU A 429 -13.76 -18.59 -4.78
C LEU A 429 -13.57 -20.10 -4.82
N VAL A 430 -12.37 -20.54 -5.19
CA VAL A 430 -12.04 -21.95 -5.05
C VAL A 430 -12.00 -22.33 -3.57
N ALA A 431 -11.30 -21.55 -2.75
CA ALA A 431 -11.25 -21.82 -1.32
C ALA A 431 -10.48 -20.71 -0.60
N ASP A 432 -10.96 -20.35 0.59
CA ASP A 432 -10.20 -19.46 1.46
C ASP A 432 -8.82 -20.03 1.75
N LYS A 433 -8.74 -21.33 1.97
CA LYS A 433 -7.49 -21.99 2.29
C LYS A 433 -6.57 -22.11 1.09
N ALA A 434 -6.92 -21.51 -0.04
CA ALA A 434 -6.06 -21.45 -1.20
C ALA A 434 -5.38 -20.09 -1.36
N ILE A 435 -5.56 -19.18 -0.41
CA ILE A 435 -4.99 -17.83 -0.46
C ILE A 435 -3.90 -17.73 0.59
N GLY A 436 -2.68 -17.45 0.14
CA GLY A 436 -1.57 -17.24 1.05
C GLY A 436 -1.18 -15.77 1.13
N PHE A 437 -0.50 -15.39 2.20
CA PHE A 437 -0.03 -14.02 2.38
C PHE A 437 1.47 -14.06 2.66
N ARG A 438 2.23 -13.27 1.91
CA ARG A 438 3.67 -13.17 2.11
CA ARG A 438 3.67 -13.21 2.14
C ARG A 438 3.96 -12.54 3.48
N GLU A 439 4.99 -13.03 4.16
CA GLU A 439 5.35 -12.47 5.45
CA GLU A 439 5.36 -12.47 5.45
C GLU A 439 5.96 -11.07 5.27
N ASN A 440 5.56 -10.17 6.15
CA ASN A 440 5.89 -8.76 6.06
C ASN A 440 5.39 -8.08 7.33
N LEU A 441 6.05 -7.01 7.74
CA LEU A 441 5.62 -6.31 8.94
C LEU A 441 4.41 -5.42 8.68
N SER A 442 4.28 -4.90 7.46
CA SER A 442 3.34 -3.83 7.17
C SER A 442 2.37 -4.14 6.03
N PHE A 443 2.85 -4.74 4.95
CA PHE A 443 2.04 -4.98 3.76
C PHE A 443 1.42 -6.37 3.83
N ARG A 444 0.10 -6.45 3.65
CA ARG A 444 -0.64 -7.71 3.74
C ARG A 444 -1.14 -8.04 2.33
N VAL A 445 -0.35 -8.83 1.61
CA VAL A 445 -0.52 -9.05 0.18
C VAL A 445 -1.00 -10.48 -0.04
N PRO A 446 -2.22 -10.69 -0.55
CA PRO A 446 -2.60 -12.05 -0.96
C PRO A 446 -1.87 -12.42 -2.25
N THR A 447 -1.22 -13.58 -2.24
CA THR A 447 -0.37 -13.95 -3.37
C THR A 447 -1.20 -14.37 -4.58
N SER A 448 -2.36 -14.97 -4.35
CA SER A 448 -3.27 -15.30 -5.42
C SER A 448 -4.68 -15.27 -4.87
N VAL A 449 -5.65 -15.19 -5.78
CA VAL A 449 -7.07 -15.31 -5.43
C VAL A 449 -7.69 -16.23 -6.46
N PRO A 450 -7.56 -17.55 -6.30
CA PRO A 450 -8.10 -18.47 -7.31
C PRO A 450 -9.62 -18.44 -7.36
N VAL A 451 -10.16 -18.34 -8.58
CA VAL A 451 -11.59 -18.22 -8.78
C VAL A 451 -12.03 -19.17 -9.89
N THR A 452 -13.32 -19.47 -9.90
CA THR A 452 -13.97 -20.18 -10.98
C THR A 452 -15.25 -19.43 -11.35
N TRP A 453 -15.95 -19.91 -12.37
CA TRP A 453 -17.20 -19.33 -12.80
C TRP A 453 -17.98 -20.37 -13.57
N ASN A 454 -19.28 -20.10 -13.76
CA ASN A 454 -20.16 -21.02 -14.46
C ASN A 454 -19.74 -21.18 -15.92
#